data_4BGP
#
_entry.id   4BGP
#
_cell.length_a   62.590
_cell.length_b   70.080
_cell.length_c   70.730
_cell.angle_alpha   90.00
_cell.angle_beta   90.00
_cell.angle_gamma   90.00
#
_symmetry.space_group_name_H-M   'P 21 21 21'
#
loop_
_entity.id
_entity.type
_entity.pdbx_description
1 polymer NUCLEOPROTEIN
2 non-polymer GLYCEROL
3 non-polymer 'SULFATE ION'
4 water water
#
_entity_poly.entity_id   1
_entity_poly.type   'polypeptide(L)'
_entity_poly.pdbx_seq_one_letter_code
;GMSDLVFYDVASTGANGFDPDAGYMDF(CME)VKNAESLNLAAVRIFFLNAAKAKAALSRKPERKANPKFGEWQVEVINN
HFPGNRNNPIGNNDLTIHRLSGYLARWVLDQYNENDDESQHELIRTTIINPIAESNGVGWDSGPEIYLSFFPGTEMFLET
FKFYPLTIGIHRVKQGMMDPQYLKKALRQRYGTLTADKWMSQKVAAIAKSLKDVEQLKWGKGGLSDTAKTFLQKFGIRLP
;
_entity_poly.pdbx_strand_id   A
#
# COMPACT_ATOMS: atom_id res chain seq x y z
N GLY A 1 -8.40 -19.02 -6.68
CA GLY A 1 -8.22 -17.55 -6.81
C GLY A 1 -7.28 -17.13 -7.92
N MET A 2 -6.80 -15.88 -7.80
N MET A 2 -6.81 -15.89 -7.84
CA MET A 2 -5.94 -15.23 -8.80
CA MET A 2 -5.96 -15.31 -8.87
C MET A 2 -4.57 -15.90 -8.95
C MET A 2 -4.58 -15.95 -8.97
N SER A 3 -4.09 -16.52 -7.86
CA SER A 3 -2.75 -17.14 -7.84
C SER A 3 -2.68 -18.58 -8.34
N ASP A 4 -3.61 -19.43 -7.90
CA ASP A 4 -3.66 -20.79 -8.38
C ASP A 4 -4.56 -20.94 -9.64
N LEU A 5 -5.19 -19.84 -10.09
CA LEU A 5 -6.11 -19.84 -11.24
C LEU A 5 -7.22 -20.85 -11.10
N VAL A 6 -7.80 -20.93 -9.91
CA VAL A 6 -8.92 -21.79 -9.69
C VAL A 6 -10.13 -20.94 -9.46
N PHE A 7 -11.19 -21.24 -10.22
CA PHE A 7 -12.41 -20.45 -10.19
C PHE A 7 -13.61 -21.25 -9.73
N TYR A 8 -14.53 -20.51 -9.11
CA TYR A 8 -15.65 -21.06 -8.36
C TYR A 8 -16.97 -20.41 -8.77
N ASP A 9 -18.03 -21.07 -8.38
CA ASP A 9 -19.37 -20.57 -8.59
C ASP A 9 -19.62 -19.40 -7.64
N VAL A 10 -20.57 -18.57 -7.94
CA VAL A 10 -20.79 -17.44 -7.08
C VAL A 10 -21.69 -17.81 -5.89
N ASN A 16 -20.27 -14.07 0.73
CA ASN A 16 -19.81 -14.19 2.12
C ASN A 16 -18.84 -13.05 2.50
N GLY A 17 -17.88 -13.31 3.39
CA GLY A 17 -16.94 -12.29 3.88
C GLY A 17 -16.07 -11.67 2.78
N PHE A 18 -15.52 -10.49 3.06
CA PHE A 18 -14.61 -9.82 2.13
C PHE A 18 -13.31 -10.65 1.90
N ASP A 19 -13.03 -10.94 0.63
CA ASP A 19 -11.83 -11.60 0.17
C ASP A 19 -11.03 -10.59 -0.66
N PRO A 20 -9.93 -10.05 -0.09
CA PRO A 20 -9.17 -9.05 -0.87
C PRO A 20 -8.62 -9.56 -2.19
N ASP A 21 -8.35 -10.85 -2.32
N ASP A 21 -8.36 -10.87 -2.30
CA ASP A 21 -7.89 -11.35 -3.62
CA ASP A 21 -7.94 -11.48 -3.56
C ASP A 21 -9.00 -11.25 -4.67
C ASP A 21 -9.00 -11.23 -4.63
N ALA A 22 -10.23 -11.62 -4.32
CA ALA A 22 -11.35 -11.47 -5.24
C ALA A 22 -11.62 -9.98 -5.50
N GLY A 23 -11.45 -9.16 -4.46
CA GLY A 23 -11.60 -7.69 -4.62
C GLY A 23 -10.59 -7.14 -5.62
N TYR A 24 -9.35 -7.59 -5.49
CA TYR A 24 -8.29 -7.13 -6.41
C TYR A 24 -8.58 -7.56 -7.82
N MET A 25 -9.05 -8.81 -8.00
N MET A 25 -9.06 -8.79 -8.00
CA MET A 25 -9.43 -9.32 -9.32
CA MET A 25 -9.37 -9.25 -9.36
C MET A 25 -10.47 -8.42 -9.96
C MET A 25 -10.49 -8.42 -9.98
N ASP A 26 -11.52 -8.10 -9.20
CA ASP A 26 -12.63 -7.27 -9.69
C ASP A 26 -12.14 -5.87 -10.06
N PHE A 27 -11.28 -5.34 -9.21
CA PHE A 27 -10.67 -4.04 -9.46
C PHE A 27 -9.90 -4.01 -10.79
N VAL A 29 -10.25 -6.11 -13.34
CA VAL A 29 -11.15 -6.28 -14.49
C VAL A 29 -11.68 -4.91 -14.92
N LYS A 30 -12.10 -4.13 -13.92
CA LYS A 30 -12.72 -2.83 -14.19
C LYS A 30 -11.76 -1.70 -14.51
N ASN A 31 -10.53 -1.74 -13.98
CA ASN A 31 -9.61 -0.59 -14.05
C ASN A 31 -8.25 -0.75 -14.71
N ALA A 32 -7.75 -1.98 -14.87
CA ALA A 32 -6.41 -2.20 -15.43
C ALA A 32 -6.15 -1.41 -16.71
N GLU A 33 -7.14 -1.35 -17.58
CA GLU A 33 -6.97 -0.70 -18.87
C GLU A 33 -6.76 0.81 -18.74
N SER A 34 -7.36 1.43 -17.72
CA SER A 34 -7.31 2.90 -17.61
C SER A 34 -6.26 3.43 -16.62
N LEU A 35 -5.62 2.55 -15.86
CA LEU A 35 -4.55 2.95 -14.94
C LEU A 35 -3.25 3.29 -15.63
N ASN A 36 -2.51 4.25 -15.08
CA ASN A 36 -1.15 4.54 -15.50
C ASN A 36 -0.40 5.05 -14.30
N LEU A 37 0.92 5.10 -14.41
CA LEU A 37 1.75 5.48 -13.30
C LEU A 37 1.46 6.91 -12.82
N ALA A 38 1.18 7.81 -13.77
CA ALA A 38 0.91 9.22 -13.43
C ALA A 38 -0.30 9.36 -12.51
N ALA A 39 -1.37 8.65 -12.85
CA ALA A 39 -2.58 8.63 -12.06
C ALA A 39 -2.36 8.04 -10.68
N VAL A 40 -1.57 6.97 -10.61
CA VAL A 40 -1.35 6.31 -9.34
C VAL A 40 -0.44 7.17 -8.42
N ARG A 41 0.52 7.86 -9.01
CA ARG A 41 1.33 8.82 -8.27
C ARG A 41 0.40 9.86 -7.62
N ILE A 42 -0.49 10.42 -8.42
CA ILE A 42 -1.41 11.43 -7.93
C ILE A 42 -2.31 10.88 -6.81
N PHE A 43 -2.79 9.65 -6.97
CA PHE A 43 -3.57 9.04 -5.92
C PHE A 43 -2.81 9.02 -4.61
N PHE A 44 -1.60 8.48 -4.64
CA PHE A 44 -0.91 8.28 -3.38
C PHE A 44 -0.55 9.64 -2.71
N LEU A 45 -0.33 10.65 -3.54
CA LEU A 45 -0.05 12.01 -3.01
C LEU A 45 -1.30 12.69 -2.46
N ASN A 46 -2.48 12.19 -2.83
CA ASN A 46 -3.73 12.86 -2.49
C ASN A 46 -4.77 12.01 -1.76
N ALA A 47 -4.42 10.80 -1.33
CA ALA A 47 -5.36 9.93 -0.61
C ALA A 47 -5.97 10.59 0.63
N ALA A 48 -5.13 11.17 1.48
CA ALA A 48 -5.61 11.77 2.71
C ALA A 48 -6.50 12.97 2.41
N LYS A 49 -6.10 13.79 1.44
CA LYS A 49 -6.90 14.94 1.02
C LYS A 49 -8.24 14.49 0.44
N ALA A 50 -8.27 13.35 -0.26
CA ALA A 50 -9.51 12.83 -0.81
C ALA A 50 -10.48 12.44 0.28
N LYS A 51 -9.96 11.80 1.34
CA LYS A 51 -10.80 11.47 2.50
C LYS A 51 -11.39 12.72 3.16
N ALA A 52 -10.54 13.74 3.30
CA ALA A 52 -10.96 15.03 3.86
C ALA A 52 -12.12 15.64 3.02
N ALA A 53 -11.93 15.60 1.70
CA ALA A 53 -12.89 16.17 0.78
C ALA A 53 -14.18 15.39 0.84
N LEU A 54 -14.08 14.07 0.87
CA LEU A 54 -15.26 13.23 0.98
C LEU A 54 -16.02 13.46 2.27
N SER A 55 -15.32 13.82 3.34
CA SER A 55 -15.92 14.01 4.67
C SER A 55 -16.94 15.15 4.74
N ARG A 56 -16.89 16.08 3.78
CA ARG A 56 -17.89 17.16 3.71
C ARG A 56 -18.90 17.02 2.55
N LYS A 57 -18.90 15.84 1.92
CA LYS A 57 -19.81 15.52 0.80
C LYS A 57 -20.86 14.52 1.27
N PRO A 58 -22.15 14.88 1.21
CA PRO A 58 -23.13 13.96 1.78
C PRO A 58 -23.46 12.71 0.94
N GLU A 59 -23.08 12.71 -0.33
CA GLU A 59 -23.45 11.62 -1.24
C GLU A 59 -22.82 10.30 -0.78
N ARG A 60 -23.57 9.21 -0.92
CA ARG A 60 -23.12 7.89 -0.46
C ARG A 60 -22.00 7.28 -1.27
N LYS A 61 -21.89 7.72 -2.53
CA LYS A 61 -20.83 7.35 -3.45
C LYS A 61 -20.33 8.60 -4.15
N ALA A 62 -19.08 8.55 -4.60
CA ALA A 62 -18.46 9.68 -5.27
C ALA A 62 -17.52 9.20 -6.34
N ASN A 63 -17.09 10.12 -7.18
CA ASN A 63 -16.30 9.79 -8.35
C ASN A 63 -15.08 10.65 -8.45
N PRO A 64 -14.15 10.51 -7.48
CA PRO A 64 -12.92 11.29 -7.57
C PRO A 64 -12.11 10.97 -8.82
N LYS A 65 -11.34 11.94 -9.26
CA LYS A 65 -10.46 11.79 -10.41
C LYS A 65 -9.02 12.08 -10.00
N PHE A 66 -8.12 11.13 -10.31
CA PHE A 66 -6.70 11.29 -10.01
C PHE A 66 -5.93 11.33 -11.32
N GLY A 67 -5.38 12.49 -11.66
CA GLY A 67 -4.82 12.69 -13.01
C GLY A 67 -5.94 12.52 -14.02
N GLU A 68 -5.77 11.59 -14.95
CA GLU A 68 -6.82 11.26 -15.93
C GLU A 68 -7.78 10.16 -15.53
N TRP A 69 -7.51 9.50 -14.41
CA TRP A 69 -8.25 8.29 -14.04
C TRP A 69 -9.36 8.58 -13.03
N GLN A 70 -10.61 8.37 -13.43
CA GLN A 70 -11.75 8.56 -12.56
C GLN A 70 -12.27 7.25 -12.05
N VAL A 71 -12.67 7.24 -10.78
CA VAL A 71 -13.09 5.97 -10.17
C VAL A 71 -14.19 6.21 -9.16
N GLU A 72 -15.19 5.33 -9.14
CA GLU A 72 -16.27 5.42 -8.16
C GLU A 72 -15.89 4.73 -6.86
N VAL A 73 -16.12 5.44 -5.75
CA VAL A 73 -15.87 4.93 -4.41
C VAL A 73 -17.06 5.11 -3.50
N ILE A 74 -17.15 4.26 -2.50
CA ILE A 74 -18.10 4.44 -1.42
C ILE A 74 -17.61 5.56 -0.54
N ASN A 75 -18.49 6.47 -0.14
CA ASN A 75 -18.11 7.55 0.75
C ASN A 75 -18.53 7.27 2.18
N ASN A 76 -17.64 6.56 2.89
CA ASN A 76 -17.75 6.25 4.31
C ASN A 76 -17.12 7.32 5.21
N HIS A 77 -16.72 8.45 4.64
CA HIS A 77 -16.04 9.52 5.38
C HIS A 77 -16.99 10.62 5.88
N PHE A 78 -18.04 10.89 5.11
CA PHE A 78 -19.09 11.80 5.60
C PHE A 78 -19.72 11.20 6.85
N PRO A 79 -19.76 11.95 7.97
CA PRO A 79 -20.25 11.35 9.21
C PRO A 79 -21.63 10.68 9.14
N GLY A 80 -22.54 11.25 8.36
CA GLY A 80 -23.86 10.64 8.16
C GLY A 80 -23.85 9.29 7.45
N ASN A 81 -22.70 8.94 6.85
CA ASN A 81 -22.58 7.70 6.07
C ASN A 81 -21.76 6.61 6.74
N ARG A 82 -21.23 6.89 7.92
CA ARG A 82 -20.24 5.99 8.54
C ARG A 82 -20.72 4.53 8.70
N ASN A 83 -22.02 4.32 8.87
CA ASN A 83 -22.58 2.99 9.06
C ASN A 83 -22.83 2.20 7.77
N ASN A 84 -23.11 2.91 6.68
CA ASN A 84 -23.51 2.29 5.41
C ASN A 84 -22.65 1.07 5.07
N PRO A 85 -23.30 -0.04 4.67
CA PRO A 85 -22.52 -1.25 4.40
C PRO A 85 -21.63 -1.10 3.18
N ILE A 86 -20.46 -1.76 3.23
CA ILE A 86 -19.53 -1.76 2.12
C ILE A 86 -19.59 -3.13 1.45
N GLY A 87 -19.88 -3.14 0.15
CA GLY A 87 -19.91 -4.38 -0.64
C GLY A 87 -18.52 -4.91 -0.93
N ASN A 88 -18.43 -6.21 -1.20
CA ASN A 88 -17.15 -6.87 -1.41
C ASN A 88 -16.41 -6.37 -2.65
N ASN A 89 -17.17 -5.90 -3.66
CA ASN A 89 -16.55 -5.35 -4.87
C ASN A 89 -16.54 -3.82 -4.85
N ASP A 90 -16.98 -3.21 -3.73
CA ASP A 90 -16.92 -1.76 -3.59
C ASP A 90 -15.50 -1.28 -3.28
N LEU A 91 -15.21 -0.06 -3.71
CA LEU A 91 -13.94 0.57 -3.43
C LEU A 91 -14.09 1.63 -2.34
N THR A 92 -13.17 1.61 -1.39
CA THR A 92 -12.95 2.72 -0.48
C THR A 92 -11.56 3.27 -0.75
N ILE A 93 -11.26 4.45 -0.22
CA ILE A 93 -9.93 5.02 -0.38
C ILE A 93 -8.87 4.03 0.16
N HIS A 94 -9.15 3.44 1.31
CA HIS A 94 -8.24 2.50 1.94
C HIS A 94 -8.02 1.26 1.07
N ARG A 95 -9.10 0.65 0.57
CA ARG A 95 -8.96 -0.52 -0.31
C ARG A 95 -8.19 -0.18 -1.57
N LEU A 96 -8.47 0.98 -2.15
CA LEU A 96 -7.79 1.44 -3.35
C LEU A 96 -6.31 1.60 -3.10
N SER A 97 -5.95 2.09 -1.91
CA SER A 97 -4.52 2.25 -1.58
C SER A 97 -3.82 0.89 -1.60
N GLY A 98 -4.47 -0.12 -1.02
CA GLY A 98 -3.95 -1.49 -1.05
C GLY A 98 -3.87 -2.09 -2.45
N TYR A 99 -4.98 -2.01 -3.20
CA TYR A 99 -4.98 -2.47 -4.59
C TYR A 99 -3.93 -1.79 -5.49
N LEU A 100 -3.80 -0.46 -5.38
CA LEU A 100 -2.82 0.25 -6.19
C LEU A 100 -1.38 -0.05 -5.81
N ALA A 101 -1.11 -0.30 -4.52
CA ALA A 101 0.22 -0.72 -4.09
C ALA A 101 0.54 -2.06 -4.74
N ARG A 102 -0.42 -2.97 -4.73
CA ARG A 102 -0.21 -4.23 -5.41
C ARG A 102 -0.04 -4.06 -6.93
N TRP A 103 -0.83 -3.17 -7.55
CA TRP A 103 -0.68 -2.90 -8.97
C TRP A 103 0.71 -2.37 -9.30
N VAL A 104 1.26 -1.51 -8.45
CA VAL A 104 2.61 -0.98 -8.67
C VAL A 104 3.63 -2.10 -8.59
N LEU A 105 3.48 -2.99 -7.61
CA LEU A 105 4.36 -4.17 -7.53
C LEU A 105 4.27 -5.07 -8.76
N ASP A 106 3.04 -5.34 -9.21
CA ASP A 106 2.84 -6.05 -10.48
C ASP A 106 3.56 -5.33 -11.65
N GLN A 107 3.47 -4.00 -11.72
CA GLN A 107 4.20 -3.26 -12.75
C GLN A 107 5.70 -3.46 -12.65
N TYR A 108 6.19 -3.42 -11.42
CA TYR A 108 7.63 -3.59 -11.17
C TYR A 108 8.12 -4.99 -11.60
N ASN A 109 7.31 -6.01 -11.29
CA ASN A 109 7.65 -7.38 -11.58
C ASN A 109 7.38 -7.82 -13.02
N GLU A 110 6.63 -7.01 -13.77
CA GLU A 110 6.28 -7.30 -15.16
C GLU A 110 7.50 -7.50 -16.07
N ASN A 111 8.55 -6.73 -15.85
CA ASN A 111 9.84 -7.06 -16.46
C ASN A 111 10.97 -6.48 -15.66
N ASP A 112 12.18 -6.94 -15.93
CA ASP A 112 13.30 -6.51 -15.14
C ASP A 112 14.22 -5.56 -15.91
N ASP A 113 13.75 -4.93 -16.98
CA ASP A 113 14.56 -3.89 -17.63
C ASP A 113 14.80 -2.76 -16.64
N GLU A 114 16.04 -2.26 -16.57
N GLU A 114 16.04 -2.27 -16.58
CA GLU A 114 16.37 -1.20 -15.62
CA GLU A 114 16.42 -1.19 -15.67
C GLU A 114 15.52 0.06 -15.85
C GLU A 114 15.54 0.05 -15.87
N SER A 115 15.18 0.34 -17.11
CA SER A 115 14.32 1.49 -17.43
C SER A 115 12.94 1.43 -16.74
N GLN A 116 12.38 0.23 -16.65
CA GLN A 116 11.09 -0.01 -16.00
C GLN A 116 11.21 0.35 -14.52
N HIS A 117 12.24 -0.17 -13.88
CA HIS A 117 12.46 0.09 -12.47
C HIS A 117 12.72 1.56 -12.18
N GLU A 118 13.52 2.20 -13.04
CA GLU A 118 13.82 3.61 -12.89
C GLU A 118 12.58 4.45 -13.08
N LEU A 119 11.74 4.10 -14.06
CA LEU A 119 10.46 4.78 -14.26
C LEU A 119 9.59 4.70 -12.98
N ILE A 120 9.48 3.50 -12.43
CA ILE A 120 8.61 3.32 -11.25
C ILE A 120 9.16 4.02 -10.01
N ARG A 121 10.46 3.88 -9.78
CA ARG A 121 11.11 4.48 -8.61
C ARG A 121 11.05 6.01 -8.61
N THR A 122 11.09 6.61 -9.79
CA THR A 122 11.08 8.06 -9.87
C THR A 122 9.66 8.62 -9.90
N THR A 123 8.65 7.81 -10.20
CA THR A 123 7.26 8.28 -10.41
C THR A 123 6.39 8.05 -9.18
N ILE A 124 6.50 6.86 -8.59
CA ILE A 124 5.68 6.56 -7.43
C ILE A 124 6.41 6.97 -6.16
N ILE A 125 5.78 7.89 -5.43
CA ILE A 125 6.28 8.31 -4.14
C ILE A 125 5.35 7.82 -3.01
N ASN A 126 5.96 7.25 -1.97
CA ASN A 126 5.24 6.86 -0.76
C ASN A 126 5.61 7.84 0.35
N PRO A 127 4.73 8.85 0.60
CA PRO A 127 5.11 9.89 1.58
C PRO A 127 5.37 9.33 2.98
N ILE A 128 4.60 8.31 3.36
CA ILE A 128 4.77 7.70 4.67
C ILE A 128 6.17 7.05 4.80
N ALA A 129 6.57 6.25 3.81
CA ALA A 129 7.92 5.68 3.77
C ALA A 129 8.99 6.77 3.79
N GLU A 130 8.79 7.76 2.93
CA GLU A 130 9.79 8.82 2.79
C GLU A 130 9.92 9.60 4.09
N SER A 131 8.79 9.90 4.74
CA SER A 131 8.82 10.60 6.05
C SER A 131 9.64 9.83 7.10
N ASN A 132 9.75 8.51 6.95
CA ASN A 132 10.53 7.67 7.85
C ASN A 132 11.97 7.40 7.41
N GLY A 133 12.41 8.05 6.33
CA GLY A 133 13.74 7.80 5.79
C GLY A 133 13.89 6.57 4.91
N VAL A 134 12.79 6.04 4.40
CA VAL A 134 12.82 4.78 3.67
C VAL A 134 12.48 5.09 2.22
N GLY A 135 13.39 4.74 1.33
CA GLY A 135 13.23 4.91 -0.11
C GLY A 135 13.11 3.59 -0.86
N TRP A 136 12.94 3.69 -2.18
CA TRP A 136 12.86 2.51 -3.06
C TRP A 136 14.08 1.61 -2.99
N ASP A 137 15.23 2.19 -2.66
CA ASP A 137 16.46 1.41 -2.54
C ASP A 137 16.35 0.33 -1.45
N SER A 138 15.42 0.48 -0.50
CA SER A 138 15.20 -0.57 0.50
C SER A 138 14.61 -1.89 -0.04
N GLY A 139 14.03 -1.86 -1.23
CA GLY A 139 13.37 -3.03 -1.88
C GLY A 139 11.89 -2.68 -2.19
N PRO A 140 11.33 -3.22 -3.28
CA PRO A 140 9.98 -2.76 -3.67
C PRO A 140 8.88 -3.20 -2.69
N GLU A 141 8.95 -4.43 -2.18
CA GLU A 141 7.90 -4.92 -1.28
C GLU A 141 7.91 -4.13 0.01
N ILE A 142 9.10 -3.95 0.59
CA ILE A 142 9.20 -3.21 1.84
C ILE A 142 8.83 -1.72 1.71
N TYR A 143 9.21 -1.07 0.61
CA TYR A 143 8.85 0.35 0.37
C TYR A 143 7.35 0.49 0.26
N LEU A 144 6.77 -0.37 -0.57
CA LEU A 144 5.34 -0.31 -0.82
C LEU A 144 4.51 -0.67 0.41
N SER A 145 5.08 -1.47 1.33
CA SER A 145 4.34 -1.91 2.51
C SER A 145 4.03 -0.78 3.52
N PHE A 146 4.66 0.38 3.37
CA PHE A 146 4.28 1.54 4.17
C PHE A 146 2.95 2.17 3.78
N PHE A 147 2.43 1.84 2.58
CA PHE A 147 1.12 2.29 2.16
C PHE A 147 0.01 1.61 2.91
N PRO A 148 -1.00 2.39 3.34
CA PRO A 148 -2.20 1.84 3.90
C PRO A 148 -2.84 0.84 2.95
N GLY A 149 -3.42 -0.22 3.50
CA GLY A 149 -4.15 -1.21 2.70
C GLY A 149 -3.33 -2.40 2.29
N THR A 150 -2.02 -2.31 2.41
CA THR A 150 -1.16 -3.42 2.00
C THR A 150 -1.30 -4.62 2.93
N GLU A 151 -1.86 -4.40 4.11
CA GLU A 151 -2.09 -5.50 5.04
C GLU A 151 -3.10 -6.52 4.50
N MET A 152 -3.87 -6.12 3.49
CA MET A 152 -4.75 -7.04 2.81
C MET A 152 -4.02 -8.16 2.13
N PHE A 153 -2.72 -7.95 1.87
CA PHE A 153 -1.93 -8.86 1.06
C PHE A 153 -0.60 -9.20 1.74
N LEU A 154 -0.70 -9.84 2.90
CA LEU A 154 0.49 -10.11 3.70
C LEU A 154 1.51 -11.00 3.01
N GLU A 155 1.05 -12.02 2.27
CA GLU A 155 1.98 -12.90 1.58
C GLU A 155 2.67 -12.15 0.45
N THR A 156 1.89 -11.40 -0.32
CA THR A 156 2.42 -10.59 -1.43
C THR A 156 3.54 -9.67 -0.95
N PHE A 157 3.32 -9.05 0.21
CA PHE A 157 4.24 -8.06 0.78
C PHE A 157 5.15 -8.64 1.86
N LYS A 158 5.31 -9.96 1.84
CA LYS A 158 6.33 -10.63 2.64
C LYS A 158 6.27 -10.31 4.13
N PHE A 159 5.03 -10.23 4.65
CA PHE A 159 4.70 -9.88 6.04
C PHE A 159 5.05 -8.43 6.47
N TYR A 160 5.66 -7.61 5.61
CA TYR A 160 6.06 -6.24 5.99
C TYR A 160 4.93 -5.31 6.48
N PRO A 161 3.70 -5.44 5.95
CA PRO A 161 2.65 -4.57 6.48
C PRO A 161 2.36 -4.83 7.97
N LEU A 162 2.61 -6.06 8.40
CA LEU A 162 2.53 -6.45 9.81
C LEU A 162 3.81 -6.05 10.56
N THR A 163 4.97 -6.41 10.03
CA THR A 163 6.21 -6.27 10.83
C THR A 163 6.65 -4.81 10.92
N ILE A 164 6.26 -3.97 9.95
CA ILE A 164 6.44 -2.52 10.16
C ILE A 164 5.72 -2.07 11.43
N GLY A 165 4.51 -2.55 11.59
CA GLY A 165 3.67 -2.23 12.76
C GLY A 165 4.27 -2.81 14.03
N ILE A 166 4.77 -4.03 13.95
CA ILE A 166 5.42 -4.65 15.14
C ILE A 166 6.66 -3.84 15.56
N HIS A 167 7.49 -3.48 14.60
CA HIS A 167 8.65 -2.63 14.87
C HIS A 167 8.27 -1.31 15.55
N ARG A 168 7.26 -0.64 15.02
CA ARG A 168 6.75 0.61 15.59
C ARG A 168 6.28 0.43 17.04
N VAL A 169 5.52 -0.63 17.31
CA VAL A 169 5.09 -0.91 18.69
C VAL A 169 6.30 -1.15 19.58
N LYS A 170 7.24 -1.96 19.11
CA LYS A 170 8.43 -2.25 19.90
C LYS A 170 9.24 -0.99 20.22
N GLN A 171 9.18 -0.01 19.32
CA GLN A 171 9.88 1.28 19.49
C GLN A 171 9.07 2.34 20.24
N GLY A 172 7.87 2.01 20.69
CA GLY A 172 7.01 2.99 21.36
C GLY A 172 6.46 4.07 20.45
N MET A 173 6.47 3.82 19.15
CA MET A 173 5.99 4.78 18.14
C MET A 173 4.51 4.58 17.84
N MET A 174 3.90 3.54 18.41
CA MET A 174 2.52 3.17 18.04
C MET A 174 1.82 2.33 19.11
N ASP A 175 0.56 2.65 19.34
CA ASP A 175 -0.27 1.88 20.23
C ASP A 175 -0.45 0.47 19.65
N PRO A 176 -0.22 -0.58 20.46
CA PRO A 176 -0.44 -1.96 20.04
C PRO A 176 -1.81 -2.21 19.39
N GLN A 177 -2.82 -1.43 19.76
CA GLN A 177 -4.18 -1.65 19.23
C GLN A 177 -4.22 -1.51 17.72
N TYR A 178 -3.34 -0.68 17.15
CA TYR A 178 -3.30 -0.48 15.70
C TYR A 178 -2.83 -1.72 14.93
N LEU A 179 -2.31 -2.73 15.63
CA LEU A 179 -1.96 -4.00 14.99
C LEU A 179 -3.18 -4.85 14.65
N LYS A 180 -4.35 -4.49 15.17
CA LYS A 180 -5.49 -5.39 15.08
C LYS A 180 -5.87 -5.67 13.63
N LYS A 181 -5.80 -4.67 12.77
CA LYS A 181 -6.15 -4.81 11.36
C LYS A 181 -5.33 -5.89 10.68
N ALA A 182 -4.00 -5.78 10.77
CA ALA A 182 -3.09 -6.76 10.16
C ALA A 182 -3.26 -8.15 10.76
N LEU A 183 -3.46 -8.21 12.08
CA LEU A 183 -3.54 -9.49 12.77
C LEU A 183 -4.79 -10.29 12.41
N ARG A 184 -5.80 -9.64 11.80
CA ARG A 184 -7.05 -10.29 11.34
C ARG A 184 -6.96 -10.88 9.94
N GLN A 185 -5.93 -10.49 9.19
CA GLN A 185 -5.83 -10.87 7.79
C GLN A 185 -5.37 -12.29 7.60
N ARG A 186 -5.55 -12.79 6.39
CA ARG A 186 -5.05 -14.10 6.01
C ARG A 186 -3.60 -13.95 5.59
N TYR A 187 -2.90 -15.08 5.48
CA TYR A 187 -1.60 -15.16 4.83
C TYR A 187 -1.73 -16.28 3.81
N GLY A 188 -1.88 -15.91 2.55
CA GLY A 188 -2.26 -16.87 1.52
C GLY A 188 -3.53 -17.60 1.93
N THR A 189 -3.48 -18.93 1.96
CA THR A 189 -4.62 -19.73 2.40
C THR A 189 -4.81 -19.80 3.91
N LEU A 190 -3.79 -19.42 4.68
CA LEU A 190 -3.86 -19.51 6.15
C LEU A 190 -4.68 -18.41 6.77
N THR A 191 -5.59 -18.80 7.65
CA THR A 191 -6.26 -17.88 8.55
C THR A 191 -5.28 -17.37 9.59
N ALA A 192 -5.65 -16.26 10.23
CA ALA A 192 -4.79 -15.62 11.24
C ALA A 192 -4.43 -16.55 12.38
N ASP A 193 -5.38 -17.35 12.85
CA ASP A 193 -5.04 -18.27 13.93
C ASP A 193 -3.98 -19.27 13.47
N LYS A 194 -4.05 -19.67 12.20
CA LYS A 194 -3.11 -20.62 11.66
C LYS A 194 -1.74 -20.01 11.39
N TRP A 195 -1.66 -18.84 10.76
CA TRP A 195 -0.31 -18.23 10.57
C TRP A 195 0.36 -17.71 11.84
N MET A 196 -0.41 -17.21 12.79
CA MET A 196 0.17 -16.80 14.06
C MET A 196 0.85 -17.99 14.75
N SER A 197 0.31 -19.17 14.53
CA SER A 197 0.86 -20.41 15.07
C SER A 197 2.00 -20.97 14.22
N GLN A 198 1.87 -20.93 12.90
CA GLN A 198 2.78 -21.65 11.99
C GLN A 198 3.90 -20.83 11.36
N LYS A 199 3.77 -19.50 11.39
CA LYS A 199 4.69 -18.64 10.64
C LYS A 199 5.58 -17.73 11.47
N VAL A 200 5.81 -18.08 12.74
CA VAL A 200 6.63 -17.25 13.61
C VAL A 200 8.02 -16.99 13.02
N ALA A 201 8.68 -18.03 12.50
CA ALA A 201 10.00 -17.83 11.87
C ALA A 201 9.99 -16.87 10.70
N ALA A 202 9.03 -17.02 9.80
CA ALA A 202 8.88 -16.14 8.65
C ALA A 202 8.65 -14.68 9.04
N ILE A 203 7.87 -14.48 10.09
CA ILE A 203 7.56 -13.14 10.57
C ILE A 203 8.79 -12.50 11.23
N ALA A 204 9.53 -13.31 11.99
CA ALA A 204 10.78 -12.88 12.62
C ALA A 204 11.80 -12.44 11.54
N LYS A 205 11.87 -13.19 10.45
CA LYS A 205 12.77 -12.88 9.32
C LYS A 205 12.37 -11.53 8.71
N SER A 206 11.07 -11.38 8.47
CA SER A 206 10.50 -10.12 7.97
C SER A 206 10.81 -8.94 8.90
N LEU A 207 10.63 -9.14 10.20
CA LEU A 207 10.90 -8.10 11.20
C LEU A 207 12.37 -7.66 11.19
N LYS A 208 13.27 -8.61 11.03
CA LYS A 208 14.68 -8.25 10.99
C LYS A 208 14.98 -7.35 9.80
N ASP A 209 14.35 -7.63 8.66
CA ASP A 209 14.46 -6.75 7.48
C ASP A 209 14.02 -5.35 7.83
N VAL A 210 12.90 -5.23 8.54
CA VAL A 210 12.38 -3.93 8.93
C VAL A 210 13.30 -3.18 9.91
N GLU A 211 13.80 -3.91 10.91
CA GLU A 211 14.69 -3.34 11.92
C GLU A 211 15.95 -2.78 11.29
N GLN A 212 16.37 -3.37 10.19
CA GLN A 212 17.57 -2.92 9.47
C GLN A 212 17.37 -1.74 8.52
N LEU A 213 16.15 -1.25 8.39
CA LEU A 213 15.89 -0.04 7.60
C LEU A 213 16.50 1.18 8.31
N LYS A 214 16.81 2.23 7.54
CA LYS A 214 17.51 3.38 8.06
C LYS A 214 16.52 4.42 8.60
N TRP A 215 15.77 4.02 9.64
CA TRP A 215 14.68 4.83 10.18
C TRP A 215 15.15 6.23 10.60
N GLY A 216 14.85 7.26 9.79
CA GLY A 216 15.39 8.61 10.03
C GLY A 216 14.91 9.65 9.02
N GLY A 218 17.76 11.06 7.29
CA GLY A 218 17.58 11.37 5.87
C GLY A 218 18.82 11.95 5.20
N GLY A 219 18.61 12.65 4.09
CA GLY A 219 19.71 13.18 3.29
C GLY A 219 20.40 14.42 3.85
N LEU A 220 21.28 15.00 3.05
CA LEU A 220 21.95 16.25 3.42
C LEU A 220 20.99 17.42 3.25
N SER A 221 21.15 18.45 4.08
CA SER A 221 20.34 19.67 3.97
C SER A 221 20.63 20.44 2.67
N ASP A 222 19.69 21.29 2.27
CA ASP A 222 19.86 22.21 1.12
C ASP A 222 21.09 23.10 1.29
N THR A 223 21.26 23.65 2.49
CA THR A 223 22.40 24.49 2.83
C THR A 223 23.73 23.73 2.64
N ALA A 224 23.75 22.47 3.05
CA ALA A 224 24.91 21.62 2.90
C ALA A 224 25.20 21.29 1.42
N LYS A 225 24.15 21.00 0.66
CA LYS A 225 24.30 20.72 -0.77
C LYS A 225 24.86 21.94 -1.53
N THR A 226 24.34 23.12 -1.23
CA THR A 226 24.83 24.36 -1.84
C THR A 226 26.32 24.58 -1.50
N PHE A 227 26.66 24.36 -0.24
CA PHE A 227 28.07 24.43 0.19
C PHE A 227 28.96 23.46 -0.57
N LEU A 228 28.55 22.20 -0.64
CA LEU A 228 29.37 21.19 -1.27
C LEU A 228 29.57 21.44 -2.77
N GLN A 229 28.60 22.04 -3.43
CA GLN A 229 28.76 22.42 -4.83
C GLN A 229 29.93 23.40 -5.03
N LYS A 230 30.25 24.21 -4.01
CA LYS A 230 31.39 25.14 -4.11
C LYS A 230 32.71 24.38 -4.21
N PHE A 231 32.69 23.10 -3.84
CA PHE A 231 33.84 22.21 -3.92
C PHE A 231 33.69 21.19 -5.02
N GLY A 232 32.80 21.46 -5.97
CA GLY A 232 32.63 20.61 -7.13
C GLY A 232 31.98 19.28 -6.82
N ILE A 233 31.19 19.24 -5.75
CA ILE A 233 30.43 18.02 -5.42
C ILE A 233 28.97 18.31 -5.73
N ARG A 234 28.44 17.64 -6.76
CA ARG A 234 27.07 17.84 -7.22
C ARG A 234 26.20 16.71 -6.71
N LEU A 235 25.09 17.06 -6.06
CA LEU A 235 24.14 16.07 -5.54
C LEU A 235 22.71 16.40 -5.97
#